data_3RGF
#
_entry.id   3RGF
#
_cell.length_a   70.690
_cell.length_b   70.610
_cell.length_c   79.140
_cell.angle_alpha   90.000
_cell.angle_beta   108.310
_cell.angle_gamma   90.000
#
_symmetry.space_group_name_H-M   'P 1 21 1'
#
loop_
_entity.id
_entity.type
_entity.pdbx_description
1 polymer 'Cyclin-dependent kinase 8'
2 polymer Cyclin-C
3 non-polymer 4-{4-[({[4-CHLORO-3-(TRIFLUOROMETHYL)PHENYL]AMINO}CARBONYL)AMINO]PHENOXY}-N-METHYLPYRIDINE-2-CARBOXAMIDE
4 non-polymer 1,2-ETHANEDIOL
5 non-polymer GLYCEROL
6 water water
#
loop_
_entity_poly.entity_id
_entity_poly.type
_entity_poly.pdbx_seq_one_letter_code
_entity_poly.pdbx_strand_id
1 'polypeptide(L)'
;DKMDYDFKVKLSSERERVEDLFEYEGCKVGRGTYGHVYKAKRKDGKDDKDYALKQIEGTGISMSACREIALLRELKHPNV
ISLQKVFLSHADRKVWLLFDYAEHDLWHIIKFHRASKANKKPVQLPRGMVKSLLYQILDGIHYLHANWVLHRDLKPANIL
VMGEGPERGRVKIADMGFARLFNSPLKPLADLDPVVVTFWYRAPELLLGARHYTKAIDIWAIGCIFAELLTSEPIFHCRQ
EDIKTSNPYHHDQLDRIFNVMGFPADKDWEDIKKMPEHSTLMKDFRRNTYTNCSLIKYMEKHKVKPDSKAFHLLQKLLTM
DPIKRITSEQAMQDPYFLEDPLPTSDVFAGCQIPYPKREFLTEEEPDDKGDKKNQQQQQGNNHTNGTGHPGNQDSSHTQG
PPLKK
;
A
2 'polypeptide(L)'
;KAMAGNFWQSSHYLQWILDKQDLLKERQKDLKFLSEEEYWKLQIFFTNVIQALGEHLKLRQQVIATATVYFKRFYARYSL
KSIDPVLMAPTCVFLASKVEEFGVVSNTRLIAAATSVLKTRFSYAFPKEFPYRMNHILECEFYLLELMDCCLIVYHPYRP
LLQYVQDMGQEDMLLPLAWRIVNDTYRTDLCLLYPPFMIALACLHVACVVQQKDARQWFAELSVDMEKILEIIRVILKLY
EQWKNFDERKEMATILSKMPKPKPPPNSEGEQGPNGSQNSSYSQS
;
B
#
# COMPACT_ATOMS: atom_id res chain seq x y z
N ASP A 1 0.30 25.54 -22.04
CA ASP A 1 0.97 24.60 -20.99
C ASP A 1 2.28 25.28 -20.55
N LYS A 2 2.53 25.28 -19.25
CA LYS A 2 3.72 25.90 -18.67
C LYS A 2 4.95 24.99 -18.56
N MET A 3 4.77 23.68 -18.79
CA MET A 3 5.87 22.70 -18.72
C MET A 3 6.83 22.87 -19.91
N ASP A 4 8.06 22.42 -19.74
CA ASP A 4 9.08 22.53 -20.79
C ASP A 4 8.64 21.72 -22.01
N TYR A 5 8.71 22.36 -23.18
CA TYR A 5 8.28 21.72 -24.42
C TYR A 5 9.09 20.46 -24.76
N ASP A 6 10.41 20.58 -24.74
CA ASP A 6 11.29 19.43 -25.09
C ASP A 6 11.08 18.25 -24.17
N PHE A 7 10.92 18.54 -22.88
CA PHE A 7 10.58 17.54 -21.88
C PHE A 7 9.29 16.82 -22.25
N LYS A 8 8.22 17.57 -22.50
CA LYS A 8 6.92 16.98 -22.86
C LYS A 8 6.99 16.09 -24.10
N VAL A 9 7.51 16.62 -25.20
CA VAL A 9 7.53 15.86 -26.46
C VAL A 9 8.42 14.62 -26.36
N LYS A 10 9.53 14.70 -25.65
CA LYS A 10 10.38 13.53 -25.44
C LYS A 10 9.60 12.42 -24.71
N LEU A 11 8.96 12.77 -23.61
CA LEU A 11 8.19 11.79 -22.83
C LEU A 11 7.03 11.18 -23.64
N SER A 12 6.36 11.99 -24.43
CA SER A 12 5.24 11.50 -25.24
C SER A 12 5.72 10.59 -26.36
N SER A 13 6.92 10.85 -26.87
CA SER A 13 7.49 10.02 -27.92
C SER A 13 7.85 8.63 -27.38
N GLU A 14 8.35 8.60 -26.15
CA GLU A 14 8.85 7.39 -25.51
C GLU A 14 7.78 6.62 -24.71
N ARG A 15 6.63 7.25 -24.44
CA ARG A 15 5.66 6.68 -23.50
C ARG A 15 4.96 5.43 -24.06
N GLU A 16 4.98 4.35 -23.28
CA GLU A 16 4.26 3.14 -23.64
C GLU A 16 2.76 3.35 -23.49
N ARG A 17 2.02 2.96 -24.52
CA ARG A 17 0.58 3.06 -24.55
C ARG A 17 0.02 1.65 -24.59
N VAL A 18 -1.04 1.41 -23.83
CA VAL A 18 -1.65 0.09 -23.75
C VAL A 18 -2.17 -0.33 -25.12
N GLU A 19 -2.78 0.61 -25.85
CA GLU A 19 -3.36 0.29 -27.17
C GLU A 19 -2.34 -0.08 -28.24
N ASP A 20 -1.07 0.27 -28.01
CA ASP A 20 0.03 -0.15 -28.91
C ASP A 20 0.54 -1.55 -28.57
N LEU A 21 0.63 -1.86 -27.28
CA LEU A 21 1.23 -3.12 -26.83
C LEU A 21 0.26 -4.28 -26.76
N PHE A 22 -1.03 -4.00 -26.59
CA PHE A 22 -2.00 -5.06 -26.33
C PHE A 22 -3.25 -5.02 -27.20
N GLU A 23 -3.66 -6.20 -27.65
CA GLU A 23 -4.90 -6.38 -28.39
C GLU A 23 -5.96 -6.88 -27.41
N TYR A 24 -6.97 -6.04 -27.16
CA TYR A 24 -8.07 -6.38 -26.28
C TYR A 24 -9.39 -6.02 -26.97
N GLU A 25 -9.48 -6.33 -28.26
CA GLU A 25 -10.68 -6.05 -29.05
C GLU A 25 -11.80 -6.99 -28.63
N GLY A 26 -12.74 -6.46 -27.86
CA GLY A 26 -13.74 -7.29 -27.19
C GLY A 26 -13.11 -7.93 -25.98
N CYS A 27 -13.41 -9.21 -25.75
CA CYS A 27 -12.83 -9.97 -24.64
C CYS A 27 -12.97 -9.25 -23.28
N LYS A 28 -14.13 -8.62 -23.05
CA LYS A 28 -14.37 -7.83 -21.85
C LYS A 28 -14.89 -8.72 -20.72
N VAL A 29 -14.01 -9.56 -20.19
CA VAL A 29 -14.37 -10.50 -19.12
C VAL A 29 -14.45 -9.78 -17.77
N GLY A 35 -14.09 -0.88 -12.46
CA GLY A 35 -13.98 -0.56 -13.87
C GLY A 35 -14.32 -1.73 -14.77
N HIS A 36 -13.47 -1.97 -15.77
CA HIS A 36 -13.66 -3.09 -16.69
C HIS A 36 -12.37 -3.86 -16.89
N VAL A 37 -12.47 -5.18 -16.92
CA VAL A 37 -11.30 -6.05 -17.07
C VAL A 37 -11.35 -6.77 -18.42
N TYR A 38 -10.23 -6.75 -19.14
CA TYR A 38 -10.15 -7.35 -20.47
C TYR A 38 -9.11 -8.48 -20.49
N LYS A 39 -9.40 -9.52 -21.26
CA LYS A 39 -8.40 -10.52 -21.59
C LYS A 39 -7.60 -9.98 -22.77
N ALA A 40 -6.28 -10.00 -22.65
CA ALA A 40 -5.41 -9.34 -23.61
C ALA A 40 -4.29 -10.25 -24.09
N LYS A 41 -3.86 -10.00 -25.34
CA LYS A 41 -2.70 -10.64 -25.94
C LYS A 41 -1.72 -9.56 -26.36
N ARG A 42 -0.42 -9.86 -26.25
CA ARG A 42 0.61 -8.97 -26.78
C ARG A 42 0.51 -8.84 -28.30
N LYS A 43 0.64 -7.61 -28.80
CA LYS A 43 0.63 -7.35 -30.25
C LYS A 43 1.96 -7.69 -30.90
N ASP A 44 3.05 -7.62 -30.13
CA ASP A 44 4.39 -7.94 -30.63
C ASP A 44 4.47 -9.38 -31.13
N GLY A 45 3.81 -10.29 -30.43
CA GLY A 45 3.77 -11.70 -30.84
C GLY A 45 4.80 -12.58 -30.17
N LYS A 46 5.89 -11.96 -29.67
CA LYS A 46 6.94 -12.69 -28.96
C LYS A 46 6.49 -12.99 -27.53
N ASP A 47 5.33 -13.63 -27.42
CA ASP A 47 4.62 -13.86 -26.14
C ASP A 47 3.26 -14.49 -26.46
N ASP A 48 3.05 -15.73 -26.04
CA ASP A 48 1.76 -16.41 -26.26
C ASP A 48 0.92 -16.50 -24.98
N LYS A 49 1.44 -15.95 -23.88
CA LYS A 49 0.74 -15.98 -22.60
C LYS A 49 -0.42 -14.98 -22.57
N ASP A 50 -1.49 -15.34 -21.88
CA ASP A 50 -2.65 -14.46 -21.73
C ASP A 50 -2.42 -13.48 -20.59
N TYR A 51 -2.89 -12.24 -20.79
CA TYR A 51 -2.81 -11.19 -19.79
C TYR A 51 -4.20 -10.66 -19.50
N ALA A 52 -4.37 -10.07 -18.31
CA ALA A 52 -5.59 -9.33 -17.98
C ALA A 52 -5.24 -7.86 -17.84
N LEU A 53 -6.08 -7.01 -18.41
CA LEU A 53 -5.94 -5.57 -18.29
C LEU A 53 -7.14 -5.01 -17.54
N LYS A 54 -6.89 -4.19 -16.53
CA LYS A 54 -7.96 -3.47 -15.82
C LYS A 54 -7.82 -1.96 -16.00
N GLN A 55 -8.85 -1.32 -16.52
CA GLN A 55 -8.90 0.13 -16.57
C GLN A 55 -9.55 0.59 -15.27
N ILE A 56 -8.88 1.48 -14.54
CA ILE A 56 -9.38 1.97 -13.26
C ILE A 56 -10.59 2.84 -13.51
N GLU A 57 -11.63 2.67 -12.69
CA GLU A 57 -12.85 3.45 -12.80
C GLU A 57 -12.57 4.88 -12.35
N GLY A 58 -13.13 5.84 -13.09
CA GLY A 58 -12.99 7.25 -12.77
C GLY A 58 -11.76 7.85 -13.42
N THR A 59 -11.70 9.18 -13.42
CA THR A 59 -10.57 9.90 -14.01
C THR A 59 -9.46 10.10 -12.97
N GLY A 60 -8.22 10.00 -13.45
CA GLY A 60 -7.05 10.26 -12.61
C GLY A 60 -6.77 9.13 -11.65
N ILE A 61 -6.53 9.46 -10.39
CA ILE A 61 -6.17 8.45 -9.41
C ILE A 61 -6.81 8.73 -8.05
N SER A 62 -7.84 7.96 -7.75
CA SER A 62 -8.57 8.06 -6.51
C SER A 62 -7.78 7.45 -5.37
N MET A 63 -8.24 7.71 -4.15
CA MET A 63 -7.65 7.14 -2.96
C MET A 63 -7.41 5.64 -3.10
N SER A 64 -8.46 4.90 -3.42
CA SER A 64 -8.38 3.44 -3.56
C SER A 64 -7.42 3.05 -4.67
N ALA A 65 -7.41 3.82 -5.75
CA ALA A 65 -6.54 3.57 -6.88
C ALA A 65 -5.08 3.74 -6.47
N CYS A 66 -4.79 4.86 -5.80
CA CYS A 66 -3.44 5.11 -5.26
C CYS A 66 -2.98 3.95 -4.39
N ARG A 67 -3.89 3.50 -3.52
CA ARG A 67 -3.56 2.47 -2.56
C ARG A 67 -3.32 1.12 -3.26
N GLU A 68 -4.21 0.77 -4.17
CA GLU A 68 -4.05 -0.45 -4.97
C GLU A 68 -2.68 -0.48 -5.67
N ILE A 69 -2.33 0.64 -6.31
CA ILE A 69 -1.06 0.74 -7.01
C ILE A 69 0.12 0.70 -6.03
N ALA A 70 0.01 1.45 -4.93
CA ALA A 70 1.10 1.54 -3.95
C ALA A 70 1.42 0.17 -3.36
N LEU A 71 0.38 -0.56 -3.00
CA LEU A 71 0.53 -1.87 -2.37
C LEU A 71 1.00 -2.94 -3.35
N LEU A 72 0.33 -3.05 -4.49
CA LEU A 72 0.68 -4.07 -5.48
C LEU A 72 2.10 -3.90 -5.99
N ARG A 73 2.55 -2.64 -6.06
CA ARG A 73 3.90 -2.33 -6.47
C ARG A 73 4.93 -2.96 -5.53
N GLU A 74 4.60 -3.02 -4.24
CA GLU A 74 5.51 -3.52 -3.22
C GLU A 74 5.33 -5.02 -2.92
N LEU A 75 4.10 -5.51 -3.06
CA LEU A 75 3.77 -6.88 -2.65
C LEU A 75 4.35 -7.90 -3.62
N LYS A 76 4.98 -8.93 -3.07
CA LYS A 76 5.65 -9.97 -3.87
C LYS A 76 5.61 -11.31 -3.15
N HIS A 77 4.72 -12.19 -3.63
CA HIS A 77 4.49 -13.48 -3.04
C HIS A 77 3.78 -14.37 -4.06
N PRO A 78 4.12 -15.67 -4.11
CA PRO A 78 3.52 -16.49 -5.16
C PRO A 78 1.99 -16.58 -5.15
N ASN A 79 1.37 -16.41 -3.99
CA ASN A 79 -0.09 -16.52 -3.86
C ASN A 79 -0.83 -15.19 -3.81
N VAL A 80 -0.14 -14.10 -4.14
CA VAL A 80 -0.76 -12.79 -4.32
C VAL A 80 -0.54 -12.37 -5.76
N ILE A 81 -1.60 -11.99 -6.45
CA ILE A 81 -1.51 -11.61 -7.86
C ILE A 81 -0.45 -10.52 -8.06
N SER A 82 0.38 -10.70 -9.08
CA SER A 82 1.47 -9.77 -9.40
C SER A 82 1.00 -8.68 -10.35
N LEU A 83 1.30 -7.44 -10.00
CA LEU A 83 1.12 -6.32 -10.92
C LEU A 83 2.30 -6.32 -11.88
N GLN A 84 2.08 -6.64 -13.15
CA GLN A 84 3.16 -6.68 -14.13
C GLN A 84 3.54 -5.28 -14.63
N LYS A 85 2.55 -4.38 -14.74
CA LYS A 85 2.78 -3.06 -15.33
C LYS A 85 1.61 -2.10 -15.10
N VAL A 86 1.92 -0.81 -14.96
CA VAL A 86 0.91 0.25 -14.92
C VAL A 86 1.07 1.14 -16.16
N PHE A 87 0.00 1.31 -16.93
CA PHE A 87 0.02 2.23 -18.07
C PHE A 87 -0.76 3.50 -17.73
N LEU A 88 -0.17 4.64 -17.98
CA LEU A 88 -0.80 5.92 -17.68
C LEU A 88 -1.19 6.56 -19.01
N SER A 89 -2.49 6.67 -19.23
CA SER A 89 -3.02 7.22 -20.47
C SER A 89 -3.25 8.72 -20.27
N HIS A 90 -2.35 9.54 -20.82
CA HIS A 90 -2.30 10.97 -20.52
C HIS A 90 -3.41 11.80 -21.16
N ALA A 91 -3.83 11.41 -22.37
CA ALA A 91 -4.86 12.16 -23.09
C ALA A 91 -6.23 12.11 -22.41
N ASP A 92 -6.62 10.93 -21.91
CA ASP A 92 -7.89 10.75 -21.20
C ASP A 92 -7.72 10.57 -19.68
N ARG A 93 -6.49 10.66 -19.20
CA ARG A 93 -6.17 10.52 -17.77
C ARG A 93 -6.71 9.22 -17.15
N LYS A 94 -6.61 8.14 -17.90
CA LYS A 94 -7.03 6.83 -17.44
C LYS A 94 -5.81 6.01 -17.00
N VAL A 95 -6.03 5.12 -16.03
CA VAL A 95 -4.98 4.26 -15.50
C VAL A 95 -5.29 2.81 -15.82
N TRP A 96 -4.29 2.07 -16.30
CA TRP A 96 -4.45 0.65 -16.62
C TRP A 96 -3.49 -0.21 -15.84
N LEU A 97 -4.01 -1.30 -15.25
CA LEU A 97 -3.20 -2.29 -14.56
C LEU A 97 -3.08 -3.55 -15.40
N LEU A 98 -1.87 -4.10 -15.47
CA LEU A 98 -1.61 -5.32 -16.24
C LEU A 98 -1.24 -6.44 -15.27
N PHE A 99 -1.87 -7.60 -15.48
CA PHE A 99 -1.61 -8.81 -14.69
C PHE A 99 -1.54 -9.99 -15.62
N ASP A 100 -0.91 -11.07 -15.17
CA ASP A 100 -1.02 -12.36 -15.84
C ASP A 100 -2.45 -12.86 -15.67
N TYR A 101 -3.00 -13.42 -16.73
CA TYR A 101 -4.37 -13.93 -16.73
C TYR A 101 -4.47 -15.22 -15.93
N ALA A 102 -5.41 -15.27 -15.00
CA ALA A 102 -5.68 -16.48 -14.24
C ALA A 102 -6.89 -17.14 -14.89
N GLU A 103 -6.66 -18.31 -15.48
CA GLU A 103 -7.71 -19.04 -16.19
C GLU A 103 -8.94 -19.20 -15.30
N HIS A 104 -8.72 -19.69 -14.08
CA HIS A 104 -9.81 -20.09 -13.20
C HIS A 104 -9.98 -19.18 -12.00
N ASP A 105 -11.15 -19.25 -11.39
CA ASP A 105 -11.42 -18.65 -10.08
C ASP A 105 -12.25 -19.61 -9.24
N LEU A 106 -12.27 -19.40 -7.93
CA LEU A 106 -12.87 -20.37 -7.02
C LEU A 106 -14.41 -20.38 -7.08
N TRP A 107 -15.02 -19.28 -7.49
CA TRP A 107 -16.48 -19.19 -7.65
C TRP A 107 -16.99 -20.12 -8.77
N HIS A 108 -16.31 -20.12 -9.91
CA HIS A 108 -16.64 -21.04 -11.01
C HIS A 108 -16.25 -22.49 -10.69
N ILE A 109 -15.14 -22.68 -9.99
CA ILE A 109 -14.72 -24.02 -9.59
C ILE A 109 -15.79 -24.66 -8.69
N ILE A 110 -16.23 -23.92 -7.68
CA ILE A 110 -17.25 -24.42 -6.76
C ILE A 110 -18.60 -24.64 -7.43
N LYS A 111 -19.00 -23.68 -8.28
CA LYS A 111 -20.24 -23.81 -9.04
C LYS A 111 -20.23 -25.07 -9.92
N PHE A 112 -19.10 -25.36 -10.54
CA PHE A 112 -18.94 -26.56 -11.36
C PHE A 112 -19.19 -27.83 -10.55
N HIS A 113 -18.62 -27.89 -9.35
CA HIS A 113 -18.77 -29.06 -8.48
C HIS A 113 -20.13 -29.14 -7.79
N ARG A 114 -20.77 -27.99 -7.59
CA ARG A 114 -22.13 -27.97 -7.07
C ARG A 114 -23.12 -28.43 -8.14
N ALA A 115 -22.75 -28.22 -9.40
CA ALA A 115 -23.56 -28.60 -10.55
C ALA A 115 -23.37 -30.06 -10.96
N SER A 116 -22.12 -30.54 -10.95
CA SER A 116 -21.83 -31.95 -11.27
C SER A 116 -22.39 -32.89 -10.18
N LYS A 117 -22.31 -32.46 -8.93
CA LYS A 117 -22.98 -33.16 -7.82
C LYS A 117 -24.47 -32.86 -7.85
N LEU A 125 -15.64 -31.95 -4.96
CA LEU A 125 -14.31 -31.37 -4.86
C LEU A 125 -13.33 -32.33 -4.19
N PRO A 126 -12.34 -32.86 -4.94
CA PRO A 126 -11.34 -33.75 -4.36
C PRO A 126 -10.65 -33.16 -3.12
N ARG A 127 -10.38 -34.02 -2.15
CA ARG A 127 -9.89 -33.58 -0.84
C ARG A 127 -8.48 -32.99 -0.89
N GLY A 128 -7.60 -33.59 -1.69
CA GLY A 128 -6.25 -33.04 -1.93
C GLY A 128 -6.28 -31.60 -2.45
N MET A 129 -7.20 -31.34 -3.37
CA MET A 129 -7.37 -30.01 -3.94
C MET A 129 -7.91 -28.99 -2.91
N VAL A 130 -8.88 -29.40 -2.10
CA VAL A 130 -9.40 -28.56 -1.04
C VAL A 130 -8.29 -28.10 -0.10
N LYS A 131 -7.49 -29.06 0.37
CA LYS A 131 -6.41 -28.77 1.29
C LYS A 131 -5.41 -27.80 0.67
N SER A 132 -5.03 -28.05 -0.59
CA SER A 132 -4.02 -27.22 -1.26
C SER A 132 -4.54 -25.81 -1.52
N LEU A 133 -5.82 -25.68 -1.87
CA LEU A 133 -6.44 -24.38 -1.99
C LEU A 133 -6.34 -23.63 -0.65
N LEU A 134 -6.78 -24.28 0.42
CA LEU A 134 -6.73 -23.68 1.75
C LEU A 134 -5.33 -23.25 2.14
N TYR A 135 -4.36 -24.16 1.98
CA TYR A 135 -2.99 -23.84 2.36
C TYR A 135 -2.44 -22.59 1.65
N GLN A 136 -2.72 -22.47 0.35
CA GLN A 136 -2.18 -21.38 -0.45
C GLN A 136 -2.88 -20.05 -0.17
N ILE A 137 -4.19 -20.10 0.06
CA ILE A 137 -4.93 -18.93 0.50
C ILE A 137 -4.33 -18.42 1.82
N LEU A 138 -4.08 -19.35 2.74
CA LEU A 138 -3.52 -19.01 4.05
C LEU A 138 -2.11 -18.45 3.88
N ASP A 139 -1.32 -19.09 3.03
CA ASP A 139 0.03 -18.59 2.71
C ASP A 139 -0.01 -17.14 2.24
N GLY A 140 -0.83 -16.85 1.24
CA GLY A 140 -0.93 -15.49 0.70
C GLY A 140 -1.40 -14.48 1.73
N ILE A 141 -2.45 -14.82 2.48
CA ILE A 141 -2.99 -13.94 3.51
C ILE A 141 -2.02 -13.75 4.67
N HIS A 142 -1.28 -14.80 5.02
CA HIS A 142 -0.23 -14.71 6.04
C HIS A 142 0.83 -13.68 5.67
N TYR A 143 1.21 -13.67 4.39
CA TYR A 143 2.16 -12.70 3.86
C TYR A 143 1.59 -11.29 3.93
N LEU A 144 0.34 -11.12 3.50
CA LEU A 144 -0.32 -9.81 3.58
C LEU A 144 -0.37 -9.32 5.02
N HIS A 145 -0.80 -10.19 5.93
CA HIS A 145 -0.97 -9.83 7.34
C HIS A 145 0.35 -9.47 8.02
N ALA A 146 1.41 -10.18 7.66
CA ALA A 146 2.75 -9.90 8.19
C ALA A 146 3.25 -8.52 7.75
N ASN A 147 2.75 -8.05 6.62
CA ASN A 147 3.05 -6.70 6.13
C ASN A 147 1.94 -5.70 6.49
N TRP A 148 1.07 -6.09 7.42
CA TRP A 148 -0.02 -5.25 7.92
C TRP A 148 -0.93 -4.78 6.80
N VAL A 149 -1.17 -5.66 5.83
CA VAL A 149 -2.13 -5.39 4.76
C VAL A 149 -3.31 -6.31 4.97
N LEU A 150 -4.50 -5.71 5.02
CA LEU A 150 -5.74 -6.44 5.20
C LEU A 150 -6.47 -6.50 3.86
N HIS A 151 -7.04 -7.67 3.56
CA HIS A 151 -7.76 -7.86 2.30
C HIS A 151 -9.12 -7.17 2.36
N ARG A 152 -9.92 -7.53 3.37
CA ARG A 152 -11.22 -6.89 3.67
C ARG A 152 -12.41 -7.32 2.78
N ASP A 153 -12.19 -8.26 1.87
CA ASP A 153 -13.26 -8.74 0.99
C ASP A 153 -12.96 -10.12 0.38
N LEU A 154 -12.49 -11.03 1.22
CA LEU A 154 -12.21 -12.40 0.78
C LEU A 154 -13.49 -13.15 0.49
N LYS A 155 -13.50 -13.85 -0.65
CA LYS A 155 -14.63 -14.65 -1.10
C LYS A 155 -14.16 -15.42 -2.33
N PRO A 156 -14.89 -16.49 -2.72
CA PRO A 156 -14.41 -17.32 -3.85
C PRO A 156 -14.07 -16.56 -5.14
N ALA A 157 -14.87 -15.54 -5.50
CA ALA A 157 -14.61 -14.78 -6.74
C ALA A 157 -13.26 -14.07 -6.71
N ASN A 158 -12.77 -13.74 -5.52
CA ASN A 158 -11.46 -13.12 -5.36
C ASN A 158 -10.31 -14.11 -5.23
N ILE A 159 -10.60 -15.42 -5.23
CA ILE A 159 -9.54 -16.41 -5.23
C ILE A 159 -9.35 -16.92 -6.66
N LEU A 160 -8.30 -16.44 -7.33
CA LEU A 160 -7.99 -16.89 -8.69
C LEU A 160 -7.09 -18.11 -8.65
N VAL A 161 -7.09 -18.89 -9.72
CA VAL A 161 -6.20 -20.04 -9.85
C VAL A 161 -5.68 -20.14 -11.29
N MET A 162 -4.36 -20.25 -11.41
CA MET A 162 -3.72 -20.28 -12.71
C MET A 162 -3.95 -21.62 -13.40
N GLY A 163 -4.04 -21.58 -14.73
CA GLY A 163 -4.29 -22.77 -15.53
C GLY A 163 -2.99 -23.32 -16.08
N GLU A 164 -3.05 -23.99 -17.22
CA GLU A 164 -1.88 -24.58 -17.86
C GLU A 164 -0.81 -23.53 -18.12
N GLY A 165 0.44 -23.89 -17.87
CA GLY A 165 1.55 -22.97 -17.93
C GLY A 165 2.49 -23.23 -16.76
N PRO A 166 3.47 -22.33 -16.56
CA PRO A 166 4.47 -22.53 -15.52
C PRO A 166 3.93 -22.40 -14.08
N GLU A 167 2.73 -21.87 -13.91
CA GLU A 167 2.13 -21.71 -12.58
C GLU A 167 0.85 -22.53 -12.41
N ARG A 168 0.76 -23.67 -13.10
CA ARG A 168 -0.42 -24.54 -13.09
C ARG A 168 -0.93 -24.83 -11.67
N GLY A 169 -2.18 -24.46 -11.41
CA GLY A 169 -2.81 -24.74 -10.11
C GLY A 169 -2.34 -23.88 -8.95
N ARG A 170 -1.67 -22.77 -9.23
CA ARG A 170 -1.25 -21.85 -8.16
C ARG A 170 -2.35 -20.84 -7.86
N VAL A 171 -2.73 -20.75 -6.59
CA VAL A 171 -3.69 -19.75 -6.15
C VAL A 171 -3.08 -18.36 -6.27
N LYS A 172 -3.89 -17.40 -6.74
CA LYS A 172 -3.54 -15.97 -6.74
C LYS A 172 -4.66 -15.21 -6.07
N ILE A 173 -4.39 -14.67 -4.88
CA ILE A 173 -5.33 -13.83 -4.19
C ILE A 173 -5.42 -12.50 -4.91
N ALA A 174 -6.64 -12.07 -5.20
CA ALA A 174 -6.88 -10.77 -5.83
C ALA A 174 -7.92 -10.04 -5.01
N ASP A 175 -8.07 -8.75 -5.30
CA ASP A 175 -9.10 -7.90 -4.70
C ASP A 175 -9.71 -7.07 -5.82
N MET A 176 -10.66 -7.67 -6.52
CA MET A 176 -11.18 -7.09 -7.75
C MET A 176 -12.26 -6.02 -7.55
N GLY A 177 -12.72 -5.83 -6.31
CA GLY A 177 -13.60 -4.72 -5.96
C GLY A 177 -12.99 -3.83 -4.88
N PHE A 178 -11.72 -3.52 -5.02
CA PHE A 178 -10.97 -2.72 -4.03
C PHE A 178 -11.54 -1.29 -3.88
N ALA A 179 -12.00 -0.72 -4.99
CA ALA A 179 -12.58 0.62 -5.01
C ALA A 179 -13.82 0.76 -4.11
N ARG A 180 -14.73 -0.21 -4.20
CA ARG A 180 -15.95 -0.20 -3.41
C ARG A 180 -15.73 -0.78 -2.01
N VAL A 197 -24.76 -6.92 -3.54
CA VAL A 197 -23.81 -7.12 -2.44
C VAL A 197 -24.12 -8.39 -1.66
N THR A 198 -23.08 -9.20 -1.40
CA THR A 198 -23.19 -10.43 -0.63
C THR A 198 -22.48 -10.30 0.73
N PHE A 199 -23.15 -10.71 1.81
CA PHE A 199 -22.57 -10.65 3.17
C PHE A 199 -22.27 -12.05 3.72
N TRP A 200 -22.18 -13.03 2.82
CA TRP A 200 -22.04 -14.43 3.23
C TRP A 200 -20.68 -14.72 3.89
N TYR A 201 -19.69 -13.85 3.66
CA TYR A 201 -18.32 -14.05 4.13
C TYR A 201 -17.93 -13.04 5.22
N ARG A 202 -18.86 -12.17 5.60
CA ARG A 202 -18.61 -11.12 6.59
C ARG A 202 -18.67 -11.64 8.03
N ALA A 203 -17.61 -11.36 8.81
CA ALA A 203 -17.55 -11.77 10.23
C ALA A 203 -18.66 -11.12 11.07
N PRO A 204 -19.16 -11.83 12.11
CA PRO A 204 -20.28 -11.32 12.88
C PRO A 204 -20.05 -9.97 13.55
N GLU A 205 -18.82 -9.70 14.00
CA GLU A 205 -18.47 -8.40 14.58
C GLU A 205 -18.73 -7.22 13.63
N LEU A 206 -18.53 -7.43 12.33
CA LEU A 206 -18.90 -6.40 11.34
C LEU A 206 -20.41 -6.25 11.25
N LEU A 207 -21.15 -7.35 11.34
CA LEU A 207 -22.61 -7.30 11.32
C LEU A 207 -23.18 -6.66 12.59
N LEU A 208 -22.42 -6.68 13.67
CA LEU A 208 -22.83 -6.00 14.90
C LEU A 208 -22.20 -4.61 15.05
N GLY A 209 -21.70 -4.05 13.95
CA GLY A 209 -21.27 -2.65 13.90
C GLY A 209 -19.82 -2.32 14.21
N ALA A 210 -18.93 -3.32 14.21
CA ALA A 210 -17.51 -3.06 14.46
C ALA A 210 -16.96 -2.02 13.47
N ARG A 211 -16.12 -1.14 13.98
CA ARG A 211 -15.72 0.08 13.26
C ARG A 211 -14.45 -0.05 12.43
N HIS A 212 -13.69 -1.13 12.64
CA HIS A 212 -12.39 -1.31 11.98
C HIS A 212 -12.25 -2.71 11.42
N TYR A 213 -11.69 -2.81 10.21
CA TYR A 213 -11.29 -4.10 9.66
C TYR A 213 -10.08 -4.63 10.42
N THR A 214 -10.01 -5.96 10.51
CA THR A 214 -8.95 -6.61 11.28
C THR A 214 -8.46 -7.86 10.55
N LYS A 215 -7.32 -8.38 10.99
CA LYS A 215 -6.82 -9.66 10.51
C LYS A 215 -7.81 -10.78 10.77
N ALA A 216 -8.47 -10.75 11.93
CA ALA A 216 -9.45 -11.79 12.28
C ALA A 216 -10.64 -11.83 11.33
N ILE A 217 -11.05 -10.68 10.81
CA ILE A 217 -12.17 -10.61 9.87
C ILE A 217 -11.82 -11.38 8.59
N ASP A 218 -10.61 -11.20 8.09
CA ASP A 218 -10.07 -12.00 6.99
C ASP A 218 -10.06 -13.50 7.31
N ILE A 219 -9.65 -13.87 8.52
CA ILE A 219 -9.62 -15.29 8.91
C ILE A 219 -11.01 -15.93 8.89
N TRP A 220 -12.02 -15.18 9.33
CA TRP A 220 -13.40 -15.68 9.30
C TRP A 220 -13.84 -15.96 7.87
N ALA A 221 -13.58 -15.03 6.96
CA ALA A 221 -13.88 -15.25 5.54
C ALA A 221 -13.19 -16.52 4.99
N ILE A 222 -11.93 -16.74 5.38
CA ILE A 222 -11.21 -17.93 4.92
C ILE A 222 -11.91 -19.19 5.44
N GLY A 223 -12.33 -19.16 6.69
CA GLY A 223 -13.15 -20.24 7.26
C GLY A 223 -14.42 -20.50 6.47
N CYS A 224 -15.12 -19.42 6.09
CA CYS A 224 -16.30 -19.56 5.23
C CYS A 224 -15.95 -20.24 3.90
N ILE A 225 -14.82 -19.86 3.32
CA ILE A 225 -14.39 -20.44 2.05
C ILE A 225 -14.07 -21.92 2.22
N PHE A 226 -13.36 -22.26 3.30
CA PHE A 226 -12.97 -23.66 3.57
C PHE A 226 -14.20 -24.55 3.71
N ALA A 227 -15.19 -24.08 4.45
CA ALA A 227 -16.44 -24.82 4.64
C ALA A 227 -17.11 -25.05 3.29
N GLU A 228 -17.11 -24.01 2.46
CA GLU A 228 -17.73 -24.08 1.16
C GLU A 228 -16.98 -25.04 0.24
N LEU A 229 -15.65 -25.06 0.33
CA LEU A 229 -14.86 -26.06 -0.39
C LEU A 229 -15.19 -27.50 0.06
N LEU A 230 -15.44 -27.67 1.36
CA LEU A 230 -15.72 -28.99 1.93
C LEU A 230 -17.11 -29.52 1.59
N THR A 231 -18.08 -28.63 1.40
CA THR A 231 -19.46 -29.03 1.15
C THR A 231 -20.03 -28.61 -0.21
N SER A 232 -19.33 -27.71 -0.92
CA SER A 232 -19.80 -27.11 -2.18
C SER A 232 -20.94 -26.09 -2.04
N GLU A 233 -21.36 -25.78 -0.82
CA GLU A 233 -22.39 -24.75 -0.61
C GLU A 233 -21.89 -23.66 0.36
N PRO A 234 -22.28 -22.38 0.12
CA PRO A 234 -21.85 -21.32 1.03
C PRO A 234 -22.48 -21.55 2.41
N ILE A 235 -21.64 -21.65 3.43
CA ILE A 235 -22.11 -22.04 4.77
C ILE A 235 -23.10 -21.04 5.38
N PHE A 236 -22.90 -19.75 5.12
CA PHE A 236 -23.81 -18.71 5.62
C PHE A 236 -24.62 -18.08 4.50
N HIS A 237 -25.02 -18.92 3.54
CA HIS A 237 -25.89 -18.53 2.44
C HIS A 237 -27.17 -17.90 2.99
N CYS A 238 -27.56 -16.79 2.38
CA CYS A 238 -28.62 -15.95 2.90
C CYS A 238 -29.27 -15.15 1.76
N ARG A 239 -30.57 -14.93 1.85
CA ARG A 239 -31.29 -14.11 0.87
C ARG A 239 -30.82 -12.66 0.95
N GLN A 240 -30.85 -11.97 -0.20
CA GLN A 240 -30.36 -10.60 -0.31
C GLN A 240 -31.28 -9.62 0.43
N ASN A 247 -27.06 0.37 9.25
CA ASN A 247 -26.44 0.01 8.07
C ASN A 247 -25.58 -1.24 8.12
N PRO A 248 -24.68 -1.33 9.12
CA PRO A 248 -23.87 -2.54 9.30
C PRO A 248 -24.69 -3.73 9.81
N TYR A 249 -25.78 -3.45 10.53
CA TYR A 249 -26.64 -4.50 11.08
C TYR A 249 -27.45 -5.20 10.00
N HIS A 250 -27.26 -6.51 9.87
CA HIS A 250 -27.98 -7.33 8.92
C HIS A 250 -28.58 -8.55 9.63
N HIS A 251 -29.89 -8.50 9.82
CA HIS A 251 -30.62 -9.41 10.69
C HIS A 251 -30.64 -10.84 10.15
N ASP A 252 -31.01 -10.98 8.88
CA ASP A 252 -31.14 -12.30 8.26
C ASP A 252 -29.80 -13.01 8.19
N GLN A 253 -28.73 -12.26 7.94
CA GLN A 253 -27.39 -12.84 7.88
C GLN A 253 -26.95 -13.41 9.24
N LEU A 254 -27.16 -12.65 10.30
CA LEU A 254 -26.86 -13.09 11.67
C LEU A 254 -27.69 -14.33 12.02
N ASP A 255 -28.96 -14.30 11.67
CA ASP A 255 -29.86 -15.43 11.85
C ASP A 255 -29.31 -16.70 11.18
N ARG A 256 -28.85 -16.55 9.95
CA ARG A 256 -28.23 -17.67 9.25
C ARG A 256 -26.95 -18.14 9.97
N ILE A 257 -26.14 -17.20 10.46
CA ILE A 257 -24.94 -17.57 11.20
C ILE A 257 -25.30 -18.36 12.47
N PHE A 258 -26.34 -17.92 13.18
CA PHE A 258 -26.77 -18.61 14.41
C PHE A 258 -27.42 -19.98 14.15
N ASN A 259 -28.20 -20.09 13.06
CA ASN A 259 -28.76 -21.39 12.64
C ASN A 259 -27.68 -22.45 12.40
N VAL A 260 -26.52 -22.01 11.94
CA VAL A 260 -25.39 -22.91 11.72
C VAL A 260 -24.54 -23.09 12.97
N MET A 261 -24.14 -21.98 13.58
CA MET A 261 -23.16 -22.00 14.68
C MET A 261 -23.76 -22.21 16.07
N GLY A 262 -25.06 -21.94 16.21
CA GLY A 262 -25.67 -21.74 17.52
C GLY A 262 -25.49 -20.29 17.95
N PHE A 263 -26.15 -19.90 19.03
CA PHE A 263 -26.07 -18.53 19.55
C PHE A 263 -24.95 -18.54 20.60
N PRO A 264 -24.03 -17.55 20.54
CA PRO A 264 -22.86 -17.61 21.40
C PRO A 264 -23.20 -17.37 22.86
N ALA A 265 -22.72 -18.24 23.73
CA ALA A 265 -22.81 -18.03 25.17
C ALA A 265 -21.90 -16.87 25.55
N ASP A 266 -22.19 -16.24 26.68
CA ASP A 266 -21.38 -15.11 27.13
C ASP A 266 -19.92 -15.47 27.32
N LYS A 267 -19.65 -16.70 27.75
CA LYS A 267 -18.28 -17.19 27.91
C LYS A 267 -17.56 -17.37 26.55
N ASP A 268 -18.33 -17.58 25.47
CA ASP A 268 -17.76 -17.74 24.12
C ASP A 268 -17.32 -16.42 23.51
N TRP A 269 -18.00 -15.32 23.87
CA TRP A 269 -17.68 -14.00 23.31
C TRP A 269 -17.99 -12.91 24.34
N GLU A 270 -17.08 -12.75 25.29
CA GLU A 270 -17.35 -11.92 26.48
C GLU A 270 -17.50 -10.43 26.16
N ASP A 271 -16.82 -9.95 25.14
CA ASP A 271 -16.88 -8.53 24.76
C ASP A 271 -17.86 -8.26 23.62
N ILE A 272 -18.75 -9.21 23.34
CA ILE A 272 -19.86 -8.98 22.40
C ILE A 272 -20.70 -7.77 22.87
N LYS A 273 -20.79 -7.58 24.18
CA LYS A 273 -21.54 -6.47 24.78
C LYS A 273 -20.95 -5.09 24.49
N LYS A 274 -19.71 -5.05 24.03
CA LYS A 274 -19.08 -3.80 23.59
C LYS A 274 -19.43 -3.43 22.14
N MET A 275 -20.01 -4.36 21.37
CA MET A 275 -20.38 -4.08 19.98
C MET A 275 -21.53 -3.05 19.93
N PRO A 276 -21.44 -2.08 19.00
CA PRO A 276 -22.47 -1.04 18.90
C PRO A 276 -23.92 -1.55 18.75
N GLU A 277 -24.12 -2.66 18.05
CA GLU A 277 -25.47 -3.20 17.80
C GLU A 277 -25.86 -4.29 18.79
N HIS A 278 -25.08 -4.49 19.85
CA HIS A 278 -25.38 -5.54 20.82
C HIS A 278 -26.81 -5.45 21.33
N SER A 279 -27.25 -4.25 21.71
CA SER A 279 -28.61 -4.03 22.18
C SER A 279 -29.66 -4.48 21.17
N THR A 280 -29.42 -4.13 19.91
CA THR A 280 -30.29 -4.54 18.80
C THR A 280 -30.37 -6.05 18.71
N LEU A 281 -29.23 -6.72 18.84
CA LEU A 281 -29.16 -8.18 18.81
C LEU A 281 -30.03 -8.78 19.91
N MET A 282 -29.89 -8.26 21.13
CA MET A 282 -30.68 -8.75 22.26
C MET A 282 -32.18 -8.59 21.99
N LYS A 283 -32.54 -7.45 21.40
CA LYS A 283 -33.94 -7.16 21.10
C LYS A 283 -34.53 -8.10 20.04
N ASP A 284 -33.73 -8.41 19.02
CA ASP A 284 -34.19 -9.20 17.88
C ASP A 284 -34.08 -10.70 18.07
N PHE A 285 -33.10 -11.16 18.86
CA PHE A 285 -32.82 -12.59 18.96
C PHE A 285 -33.01 -13.16 20.36
N ARG A 286 -33.35 -14.44 20.42
CA ARG A 286 -33.40 -15.22 21.64
C ARG A 286 -32.55 -16.49 21.48
N ARG A 287 -31.65 -16.72 22.44
CA ARG A 287 -30.83 -17.93 22.51
C ARG A 287 -31.61 -19.21 22.21
N ASN A 288 -32.79 -19.35 22.80
CA ASN A 288 -33.60 -20.56 22.69
C ASN A 288 -33.93 -20.97 21.25
N THR A 289 -34.01 -20.00 20.36
CA THR A 289 -34.25 -20.24 18.93
C THR A 289 -33.21 -21.14 18.28
N TYR A 290 -31.99 -21.17 18.82
CA TYR A 290 -30.86 -21.84 18.19
C TYR A 290 -30.26 -22.93 19.06
N THR A 291 -31.07 -23.46 19.99
CA THR A 291 -30.60 -24.43 20.97
C THR A 291 -30.06 -25.74 20.39
N ASN A 292 -30.71 -26.25 19.34
CA ASN A 292 -30.25 -27.47 18.68
C ASN A 292 -29.32 -27.20 17.47
N CYS A 293 -28.66 -26.05 17.45
CA CYS A 293 -27.75 -25.66 16.35
C CYS A 293 -26.29 -25.66 16.79
N SER A 294 -25.42 -26.14 15.92
CA SER A 294 -23.97 -26.12 16.12
C SER A 294 -23.25 -26.44 14.82
N LEU A 295 -21.99 -26.03 14.71
CA LEU A 295 -21.17 -26.33 13.55
C LEU A 295 -21.02 -27.84 13.36
N ILE A 296 -20.93 -28.57 14.46
CA ILE A 296 -20.87 -30.04 14.42
C ILE A 296 -22.08 -30.60 13.69
N LYS A 297 -23.29 -30.17 14.10
CA LYS A 297 -24.52 -30.65 13.47
C LYS A 297 -24.65 -30.22 12.00
N TYR A 298 -24.28 -28.98 11.71
CA TYR A 298 -24.31 -28.52 10.33
C TYR A 298 -23.39 -29.36 9.45
N MET A 299 -22.12 -29.48 9.85
CA MET A 299 -21.15 -30.19 9.02
C MET A 299 -21.45 -31.69 8.92
N GLU A 300 -22.10 -32.25 9.95
CA GLU A 300 -22.52 -33.65 9.95
C GLU A 300 -23.51 -34.01 8.85
N LYS A 301 -24.45 -33.12 8.58
CA LYS A 301 -25.44 -33.37 7.52
C LYS A 301 -24.90 -33.06 6.12
N HIS A 302 -23.66 -32.58 6.04
CA HIS A 302 -22.95 -32.40 4.77
C HIS A 302 -21.79 -33.38 4.62
N LYS A 303 -21.82 -34.45 5.42
CA LYS A 303 -20.88 -35.57 5.30
C LYS A 303 -19.45 -35.27 5.76
N VAL A 304 -19.23 -34.15 6.43
CA VAL A 304 -17.91 -33.83 6.96
C VAL A 304 -17.84 -34.32 8.40
N LYS A 305 -16.81 -35.12 8.70
CA LYS A 305 -16.71 -35.79 10.00
C LYS A 305 -16.20 -34.86 11.10
N PRO A 306 -16.93 -34.76 12.21
CA PRO A 306 -16.52 -33.90 13.32
C PRO A 306 -15.16 -34.25 13.95
N ASP A 307 -14.74 -35.51 13.91
CA ASP A 307 -13.43 -35.91 14.43
C ASP A 307 -12.28 -35.76 13.43
N SER A 308 -12.57 -35.26 12.22
CA SER A 308 -11.51 -35.04 11.22
C SER A 308 -10.63 -33.84 11.57
N LYS A 309 -9.37 -33.89 11.16
CA LYS A 309 -8.50 -32.74 11.30
C LYS A 309 -9.04 -31.53 10.52
N ALA A 310 -9.71 -31.79 9.40
CA ALA A 310 -10.35 -30.72 8.62
C ALA A 310 -11.38 -29.96 9.46
N PHE A 311 -12.23 -30.68 10.17
CA PHE A 311 -13.27 -30.03 10.93
C PHE A 311 -12.68 -29.20 12.06
N HIS A 312 -11.69 -29.75 12.76
CA HIS A 312 -11.11 -29.07 13.89
C HIS A 312 -10.42 -27.77 13.47
N LEU A 313 -9.77 -27.78 12.31
CA LEU A 313 -9.19 -26.56 11.76
C LEU A 313 -10.30 -25.57 11.46
N LEU A 314 -11.35 -26.04 10.77
CA LEU A 314 -12.46 -25.19 10.36
C LEU A 314 -13.07 -24.49 11.57
N GLN A 315 -13.18 -25.24 12.66
CA GLN A 315 -13.78 -24.74 13.88
C GLN A 315 -12.92 -23.65 14.52
N LYS A 316 -11.61 -23.77 14.43
CA LYS A 316 -10.72 -22.74 14.94
C LYS A 316 -10.75 -21.47 14.07
N LEU A 317 -11.11 -21.60 12.80
CA LEU A 317 -11.28 -20.45 11.90
C LEU A 317 -12.64 -19.77 12.07
N LEU A 318 -13.70 -20.56 12.16
CA LEU A 318 -15.05 -20.03 12.39
C LEU A 318 -15.36 -19.96 13.88
N THR A 319 -14.59 -19.14 14.57
CA THR A 319 -14.86 -18.81 15.96
C THR A 319 -15.53 -17.44 15.97
N MET A 320 -16.61 -17.34 16.74
CA MET A 320 -17.43 -16.13 16.77
C MET A 320 -16.68 -14.95 17.35
N ASP A 321 -16.00 -15.16 18.47
CA ASP A 321 -15.21 -14.11 19.07
C ASP A 321 -13.93 -13.94 18.26
N PRO A 322 -13.69 -12.74 17.72
CA PRO A 322 -12.50 -12.59 16.88
C PRO A 322 -11.16 -12.75 17.60
N ILE A 323 -11.09 -12.48 18.91
CA ILE A 323 -9.82 -12.67 19.64
C ILE A 323 -9.58 -14.16 19.91
N LYS A 324 -10.59 -14.99 19.71
CA LYS A 324 -10.43 -16.42 19.87
C LYS A 324 -10.22 -17.13 18.53
N ARG A 325 -10.21 -16.40 17.43
CA ARG A 325 -9.88 -16.99 16.13
C ARG A 325 -8.39 -17.25 16.01
N ILE A 326 -8.05 -18.40 15.45
CA ILE A 326 -6.70 -18.74 15.02
C ILE A 326 -6.15 -17.66 14.06
N THR A 327 -4.83 -17.46 14.08
CA THR A 327 -4.19 -16.61 13.06
C THR A 327 -3.86 -17.42 11.80
N SER A 328 -3.53 -16.73 10.73
CA SER A 328 -3.18 -17.39 9.48
C SER A 328 -1.97 -18.29 9.65
N GLU A 329 -0.97 -17.82 10.40
CA GLU A 329 0.25 -18.59 10.62
C GLU A 329 -0.01 -19.82 11.49
N GLN A 330 -0.81 -19.67 12.54
CA GLN A 330 -1.21 -20.80 13.38
C GLN A 330 -1.93 -21.85 12.54
N ALA A 331 -2.81 -21.39 11.64
CA ALA A 331 -3.57 -22.28 10.77
C ALA A 331 -2.65 -23.08 9.84
N MET A 332 -1.61 -22.43 9.29
CA MET A 332 -0.65 -23.14 8.40
C MET A 332 0.09 -24.24 9.13
N GLN A 333 0.27 -24.07 10.43
CA GLN A 333 0.97 -25.06 11.26
C GLN A 333 0.05 -26.21 11.74
N ASP A 334 -1.24 -26.13 11.42
CA ASP A 334 -2.22 -27.14 11.85
C ASP A 334 -1.85 -28.54 11.33
N PRO A 335 -2.04 -29.58 12.16
CA PRO A 335 -1.70 -30.95 11.75
C PRO A 335 -2.52 -31.47 10.56
N TYR A 336 -3.64 -30.81 10.26
CA TYR A 336 -4.38 -31.04 9.04
C TYR A 336 -3.47 -31.04 7.79
N PHE A 337 -2.47 -30.16 7.76
CA PHE A 337 -1.57 -30.03 6.62
C PHE A 337 -0.42 -31.04 6.65
N LEU A 338 -0.30 -31.79 7.73
CA LEU A 338 0.70 -32.87 7.84
C LEU A 338 0.08 -34.24 7.59
N GLU A 339 -1.24 -34.30 7.60
CA GLU A 339 -2.00 -35.52 7.40
C GLU A 339 -2.03 -35.81 5.91
N ASP A 340 -1.94 -37.08 5.55
CA ASP A 340 -2.10 -37.49 4.16
C ASP A 340 -3.49 -37.07 3.65
N PRO A 341 -3.58 -36.45 2.46
CA PRO A 341 -2.52 -36.05 1.54
C PRO A 341 -1.98 -34.66 1.85
N LEU A 342 -0.69 -34.46 1.63
CA LEU A 342 -0.06 -33.17 1.80
C LEU A 342 -0.54 -32.17 0.75
N PRO A 343 -0.55 -30.88 1.10
CA PRO A 343 -0.91 -29.87 0.10
C PRO A 343 0.17 -29.78 -0.96
N THR A 344 -0.23 -29.43 -2.18
CA THR A 344 0.69 -29.35 -3.32
C THR A 344 0.71 -27.94 -3.91
N SER A 345 1.82 -27.57 -4.53
CA SER A 345 1.98 -26.25 -5.13
C SER A 345 1.03 -26.08 -6.32
N ASP A 346 0.72 -27.18 -6.99
CA ASP A 346 -0.32 -27.21 -8.03
C ASP A 346 -1.58 -27.81 -7.38
N VAL A 347 -2.58 -26.98 -7.07
CA VAL A 347 -3.81 -27.48 -6.42
C VAL A 347 -4.52 -28.59 -7.22
N PHE A 348 -4.27 -28.64 -8.53
CA PHE A 348 -4.82 -29.70 -9.38
C PHE A 348 -3.92 -30.94 -9.45
N ALA A 349 -2.84 -30.95 -8.66
CA ALA A 349 -1.88 -32.06 -8.67
C ALA A 349 -2.55 -33.42 -8.55
N GLY A 350 -2.06 -34.39 -9.31
CA GLY A 350 -2.63 -35.74 -9.31
C GLY A 350 -3.99 -35.83 -9.98
N CYS A 351 -4.32 -34.85 -10.82
CA CYS A 351 -5.59 -34.84 -11.52
C CYS A 351 -5.54 -33.96 -12.78
N GLN A 352 -6.63 -33.99 -13.54
CA GLN A 352 -6.78 -33.17 -14.75
C GLN A 352 -7.84 -32.11 -14.50
N ILE A 353 -7.77 -31.02 -15.28
CA ILE A 353 -8.63 -29.85 -15.12
C ILE A 353 -9.86 -29.94 -16.05
N PRO A 354 -11.07 -30.13 -15.47
CA PRO A 354 -12.28 -30.26 -16.28
C PRO A 354 -13.06 -28.96 -16.49
N TYR A 355 -12.61 -27.86 -15.88
CA TYR A 355 -13.36 -26.59 -15.89
C TYR A 355 -13.23 -25.86 -17.23
N LYS B 1 1.59 -0.40 10.39
CA LYS B 1 1.39 0.29 9.08
C LYS B 1 1.90 -0.51 7.87
N ALA B 2 1.26 -0.32 6.72
CA ALA B 2 1.45 -1.16 5.54
C ALA B 2 2.91 -1.25 5.07
N MET B 3 3.39 -2.48 4.92
CA MET B 3 4.74 -2.77 4.43
C MET B 3 5.87 -2.42 5.39
N ALA B 4 5.53 -2.18 6.65
CA ALA B 4 6.53 -2.01 7.70
C ALA B 4 7.32 -3.30 7.82
N GLY B 5 8.64 -3.21 7.90
CA GLY B 5 9.50 -4.39 7.99
C GLY B 5 9.88 -5.00 6.64
N ASN B 6 9.42 -4.40 5.53
CA ASN B 6 9.74 -4.91 4.20
C ASN B 6 10.78 -4.09 3.44
N PHE B 7 11.50 -3.20 4.12
CA PHE B 7 12.40 -2.27 3.44
C PHE B 7 13.39 -2.94 2.48
N TRP B 8 13.96 -4.08 2.88
CA TRP B 8 15.03 -4.72 2.11
C TRP B 8 14.59 -5.34 0.78
N GLN B 9 13.28 -5.51 0.59
CA GLN B 9 12.77 -5.91 -0.74
C GLN B 9 11.74 -4.91 -1.25
N SER B 10 11.87 -3.67 -0.78
CA SER B 10 10.94 -2.60 -1.16
C SER B 10 11.40 -1.89 -2.43
N SER B 11 10.49 -1.21 -3.11
CA SER B 11 10.88 -0.40 -4.26
C SER B 11 11.77 0.78 -3.84
N HIS B 12 11.50 1.34 -2.66
CA HIS B 12 12.38 2.37 -2.10
C HIS B 12 13.83 1.89 -2.13
N TYR B 13 14.10 0.76 -1.49
CA TYR B 13 15.46 0.21 -1.42
C TYR B 13 16.02 -0.17 -2.78
N LEU B 14 15.24 -0.93 -3.54
CA LEU B 14 15.73 -1.57 -4.76
C LEU B 14 15.81 -0.65 -5.98
N GLN B 15 15.05 0.44 -6.00
CA GLN B 15 15.06 1.36 -7.14
C GLN B 15 15.37 2.81 -6.80
N TRP B 16 15.14 3.23 -5.56
CA TRP B 16 15.20 4.65 -5.22
C TRP B 16 16.22 4.99 -4.11
N ILE B 17 17.20 4.13 -3.92
CA ILE B 17 18.44 4.50 -3.21
C ILE B 17 19.50 4.69 -4.28
N LEU B 18 19.79 5.94 -4.59
CA LEU B 18 20.56 6.28 -5.78
C LEU B 18 22.05 6.35 -5.48
N ASP B 19 22.85 6.27 -6.54
CA ASP B 19 24.29 6.47 -6.46
C ASP B 19 24.55 7.97 -6.50
N LYS B 20 25.42 8.44 -5.61
CA LYS B 20 25.76 9.85 -5.51
C LYS B 20 26.32 10.40 -6.83
N GLN B 21 27.23 9.66 -7.44
CA GLN B 21 27.85 10.08 -8.70
C GLN B 21 26.84 10.20 -9.85
N ASP B 22 25.90 9.26 -9.93
CA ASP B 22 24.80 9.35 -10.89
C ASP B 22 23.99 10.62 -10.63
N LEU B 23 23.67 10.85 -9.37
CA LEU B 23 22.87 12.01 -8.96
C LEU B 23 23.53 13.32 -9.41
N LEU B 24 24.82 13.46 -9.13
CA LEU B 24 25.53 14.70 -9.43
C LEU B 24 25.74 14.87 -10.93
N LYS B 25 25.87 13.76 -11.65
CA LYS B 25 25.99 13.79 -13.11
C LYS B 25 24.73 14.34 -13.75
N GLU B 26 23.57 13.86 -13.32
CA GLU B 26 22.29 14.38 -13.82
C GLU B 26 22.04 15.85 -13.42
N ARG B 27 22.65 16.27 -12.32
CA ARG B 27 22.51 17.62 -11.81
C ARG B 27 23.34 18.65 -12.60
N GLN B 28 24.37 18.18 -13.29
CA GLN B 28 25.25 19.07 -14.07
C GLN B 28 24.47 19.92 -15.08
N LYS B 29 23.38 19.38 -15.60
CA LYS B 29 22.47 20.11 -16.47
C LYS B 29 22.06 21.44 -15.84
N ASP B 30 21.61 21.39 -14.60
CA ASP B 30 21.14 22.59 -13.91
C ASP B 30 22.29 23.43 -13.35
N LEU B 31 23.45 22.83 -13.13
CA LEU B 31 24.59 23.55 -12.56
C LEU B 31 25.28 24.49 -13.56
N LYS B 32 24.82 24.50 -14.81
CA LYS B 32 25.26 25.49 -15.79
C LYS B 32 24.60 26.84 -15.55
N PHE B 33 23.47 26.81 -14.83
CA PHE B 33 22.71 28.03 -14.50
C PHE B 33 22.96 28.45 -13.05
N LEU B 34 23.04 27.48 -12.16
CA LEU B 34 23.17 27.74 -10.73
C LEU B 34 24.50 27.20 -10.26
N SER B 35 25.13 27.89 -9.31
CA SER B 35 26.29 27.34 -8.63
C SER B 35 25.81 26.21 -7.72
N GLU B 36 26.74 25.39 -7.24
CA GLU B 36 26.42 24.32 -6.30
C GLU B 36 25.78 24.87 -5.03
N GLU B 37 26.32 26.00 -4.55
CA GLU B 37 25.79 26.65 -3.37
C GLU B 37 24.32 27.04 -3.59
N GLU B 38 24.05 27.67 -4.72
CA GLU B 38 22.69 28.08 -5.06
C GLU B 38 21.74 26.89 -5.18
N TYR B 39 22.26 25.79 -5.72
CA TYR B 39 21.46 24.57 -5.82
C TYR B 39 21.04 24.04 -4.44
N TRP B 40 21.97 23.96 -3.48
CA TRP B 40 21.61 23.51 -2.13
C TRP B 40 20.76 24.53 -1.36
N LYS B 41 20.82 25.79 -1.74
CA LYS B 41 19.92 26.80 -1.18
C LYS B 41 18.51 26.60 -1.73
N LEU B 42 18.39 26.41 -3.04
CA LEU B 42 17.10 26.10 -3.68
C LEU B 42 16.40 24.88 -3.06
N GLN B 43 17.18 23.85 -2.75
CA GLN B 43 16.68 22.63 -2.10
C GLN B 43 16.14 22.91 -0.70
N ILE B 44 16.89 23.69 0.07
CA ILE B 44 16.43 24.08 1.40
C ILE B 44 15.09 24.79 1.25
N PHE B 45 15.01 25.68 0.27
CA PHE B 45 13.85 26.53 0.07
C PHE B 45 12.60 25.70 -0.19
N PHE B 46 12.68 24.78 -1.14
CA PHE B 46 11.51 23.96 -1.51
C PHE B 46 11.15 22.91 -0.45
N THR B 47 12.14 22.41 0.27
CA THR B 47 11.86 21.66 1.50
C THR B 47 10.94 22.48 2.41
N ASN B 48 11.29 23.74 2.65
CA ASN B 48 10.50 24.62 3.53
C ASN B 48 9.10 24.92 2.97
N VAL B 49 8.99 25.06 1.65
CA VAL B 49 7.71 25.33 1.01
C VAL B 49 6.77 24.15 1.23
N ILE B 50 7.29 22.94 1.02
CA ILE B 50 6.52 21.72 1.20
C ILE B 50 6.13 21.55 2.68
N GLN B 51 7.04 21.82 3.60
CA GLN B 51 6.70 21.77 5.03
C GLN B 51 5.59 22.76 5.40
N ALA B 52 5.63 23.96 4.82
CA ALA B 52 4.62 24.99 5.07
C ALA B 52 3.27 24.56 4.51
N LEU B 53 3.28 24.04 3.29
CA LEU B 53 2.06 23.50 2.69
C LEU B 53 1.46 22.41 3.57
N GLY B 54 2.30 21.49 4.03
CA GLY B 54 1.87 20.42 4.90
C GLY B 54 1.27 20.90 6.21
N GLU B 55 1.92 21.88 6.84
CA GLU B 55 1.45 22.40 8.12
C GLU B 55 0.10 23.10 7.97
N HIS B 56 -0.02 23.91 6.93
CA HIS B 56 -1.27 24.59 6.63
C HIS B 56 -2.40 23.59 6.45
N LEU B 57 -2.14 22.50 5.74
CA LEU B 57 -3.15 21.45 5.53
C LEU B 57 -3.29 20.50 6.73
N LYS B 58 -2.49 20.70 7.78
CA LYS B 58 -2.53 19.89 9.01
C LYS B 58 -2.24 18.41 8.75
N LEU B 59 -1.24 18.16 7.90
CA LEU B 59 -0.84 16.80 7.59
C LEU B 59 0.21 16.38 8.62
N ARG B 60 0.22 15.10 8.95
CA ARG B 60 1.26 14.54 9.83
C ARG B 60 2.60 14.58 9.14
N GLN B 61 3.67 14.56 9.95
CA GLN B 61 5.01 14.78 9.46
C GLN B 61 5.42 13.73 8.41
N GLN B 62 4.95 12.50 8.58
CA GLN B 62 5.27 11.41 7.65
C GLN B 62 4.73 11.64 6.24
N VAL B 63 3.56 12.26 6.14
CA VAL B 63 2.98 12.63 4.85
C VAL B 63 3.80 13.72 4.19
N ILE B 64 4.21 14.72 4.98
CA ILE B 64 5.08 15.80 4.50
C ILE B 64 6.42 15.23 3.99
N ALA B 65 6.96 14.27 4.75
CA ALA B 65 8.22 13.62 4.40
C ALA B 65 8.12 12.85 3.08
N THR B 66 7.04 12.09 2.91
CA THR B 66 6.76 11.37 1.68
C THR B 66 6.64 12.33 0.49
N ALA B 67 5.91 13.42 0.68
CA ALA B 67 5.77 14.45 -0.34
C ALA B 67 7.14 15.01 -0.75
N THR B 68 7.99 15.21 0.26
CA THR B 68 9.34 15.77 0.05
C THR B 68 10.20 14.80 -0.72
N VAL B 69 10.05 13.51 -0.46
CA VAL B 69 10.81 12.49 -1.20
C VAL B 69 10.36 12.42 -2.66
N TYR B 70 9.06 12.47 -2.91
CA TYR B 70 8.53 12.54 -4.28
C TYR B 70 9.17 13.68 -5.09
N PHE B 71 9.22 14.87 -4.47
CA PHE B 71 9.78 16.08 -5.09
C PHE B 71 11.27 15.87 -5.42
N LYS B 72 12.02 15.31 -4.47
CA LYS B 72 13.45 15.04 -4.64
C LYS B 72 13.72 14.01 -5.73
N ARG B 73 12.92 12.96 -5.77
CA ARG B 73 13.08 11.93 -6.79
C ARG B 73 12.90 12.53 -8.18
N PHE B 74 11.91 13.39 -8.34
CA PHE B 74 11.60 13.95 -9.64
C PHE B 74 12.75 14.79 -10.17
N TYR B 75 13.26 15.69 -9.32
CA TYR B 75 14.36 16.57 -9.70
C TYR B 75 15.75 15.92 -9.61
N ALA B 76 15.83 14.75 -8.94
CA ALA B 76 17.02 13.91 -9.03
C ALA B 76 17.25 13.42 -10.47
N ARG B 77 16.14 13.20 -11.19
CA ARG B 77 16.22 12.76 -12.58
C ARG B 77 16.15 13.92 -13.58
N TYR B 78 15.21 14.84 -13.38
CA TYR B 78 14.94 15.89 -14.37
C TYR B 78 15.38 17.28 -13.91
N SER B 79 15.58 18.16 -14.89
CA SER B 79 15.98 19.52 -14.64
C SER B 79 14.85 20.33 -14.01
N LEU B 80 15.24 21.34 -13.23
CA LEU B 80 14.30 22.26 -12.61
C LEU B 80 13.37 22.95 -13.61
N LYS B 81 13.79 23.03 -14.88
CA LYS B 81 12.99 23.65 -15.93
C LYS B 81 11.89 22.75 -16.49
N SER B 82 11.96 21.44 -16.22
CA SER B 82 11.04 20.50 -16.84
C SER B 82 9.61 20.81 -16.42
N ILE B 83 9.38 20.84 -15.10
CA ILE B 83 8.12 21.28 -14.52
C ILE B 83 8.42 22.30 -13.42
N ASP B 84 7.64 23.37 -13.40
CA ASP B 84 7.81 24.43 -12.41
C ASP B 84 7.73 23.82 -10.99
N PRO B 85 8.80 23.94 -10.20
CA PRO B 85 8.74 23.39 -8.85
C PRO B 85 7.61 23.96 -7.98
N VAL B 86 7.16 25.18 -8.28
CA VAL B 86 6.03 25.78 -7.59
C VAL B 86 4.75 24.97 -7.85
N LEU B 87 4.67 24.32 -9.01
CA LEU B 87 3.57 23.42 -9.32
C LEU B 87 3.80 22.03 -8.75
N MET B 88 5.05 21.57 -8.79
CA MET B 88 5.38 20.21 -8.35
C MET B 88 5.20 20.07 -6.83
N ALA B 89 5.57 21.09 -6.06
CA ALA B 89 5.50 21.03 -4.60
C ALA B 89 4.10 20.62 -4.09
N PRO B 90 3.05 21.39 -4.44
CA PRO B 90 1.70 21.03 -3.99
C PRO B 90 1.16 19.73 -4.61
N THR B 91 1.60 19.40 -5.82
CA THR B 91 1.27 18.12 -6.44
C THR B 91 1.81 16.95 -5.61
N CYS B 92 3.02 17.10 -5.07
CA CYS B 92 3.62 16.06 -4.25
C CYS B 92 2.86 15.88 -2.94
N VAL B 93 2.50 16.99 -2.30
CA VAL B 93 1.68 16.97 -1.09
C VAL B 93 0.34 16.24 -1.34
N PHE B 94 -0.31 16.58 -2.45
CA PHE B 94 -1.58 15.97 -2.85
C PHE B 94 -1.50 14.45 -3.04
N LEU B 95 -0.46 13.97 -3.74
CA LEU B 95 -0.32 12.54 -3.99
C LEU B 95 0.02 11.80 -2.71
N ALA B 96 0.91 12.37 -1.90
CA ALA B 96 1.36 11.75 -0.66
C ALA B 96 0.20 11.59 0.30
N SER B 97 -0.66 12.60 0.36
CA SER B 97 -1.82 12.54 1.24
C SER B 97 -2.74 11.39 0.85
N LYS B 98 -2.90 11.15 -0.44
CA LYS B 98 -3.72 10.02 -0.90
C LYS B 98 -3.06 8.68 -0.57
N VAL B 99 -1.75 8.57 -0.82
CA VAL B 99 -0.99 7.34 -0.59
C VAL B 99 -0.91 6.94 0.89
N GLU B 100 -0.74 7.94 1.75
CA GLU B 100 -0.63 7.71 3.20
C GLU B 100 -1.98 7.50 3.88
N GLU B 101 -3.05 7.43 3.07
CA GLU B 101 -4.42 7.19 3.54
C GLU B 101 -4.96 8.27 4.47
N PHE B 102 -4.46 9.50 4.33
CA PHE B 102 -4.97 10.63 5.11
C PHE B 102 -6.20 11.24 4.46
N GLY B 103 -6.20 11.31 3.14
CA GLY B 103 -7.37 11.80 2.39
C GLY B 103 -7.02 12.43 1.06
N VAL B 104 -8.03 12.64 0.25
CA VAL B 104 -7.89 13.44 -0.98
C VAL B 104 -8.23 14.86 -0.58
N VAL B 105 -7.21 15.72 -0.54
CA VAL B 105 -7.43 17.13 -0.27
C VAL B 105 -8.33 17.64 -1.38
N SER B 106 -9.37 18.37 -1.01
CA SER B 106 -10.32 18.84 -2.01
C SER B 106 -9.62 19.78 -2.99
N ASN B 107 -10.22 19.96 -4.14
CA ASN B 107 -9.66 20.85 -5.16
C ASN B 107 -9.45 22.22 -4.56
N THR B 108 -10.50 22.81 -4.02
CA THR B 108 -10.47 24.20 -3.58
C THR B 108 -9.56 24.38 -2.37
N ARG B 109 -9.49 23.36 -1.52
CA ARG B 109 -8.63 23.40 -0.34
C ARG B 109 -7.15 23.29 -0.70
N LEU B 110 -6.83 22.46 -1.70
CA LEU B 110 -5.44 22.34 -2.16
C LEU B 110 -4.98 23.67 -2.77
N ILE B 111 -5.78 24.24 -3.67
CA ILE B 111 -5.41 25.49 -4.34
C ILE B 111 -5.40 26.65 -3.35
N ALA B 112 -6.39 26.69 -2.47
CA ALA B 112 -6.44 27.73 -1.43
C ALA B 112 -5.23 27.63 -0.51
N ALA B 113 -4.80 26.41 -0.18
CA ALA B 113 -3.63 26.23 0.68
C ALA B 113 -2.34 26.72 0.01
N ALA B 114 -2.11 26.34 -1.25
CA ALA B 114 -0.93 26.80 -1.98
C ALA B 114 -0.92 28.33 -2.15
N THR B 115 -2.07 28.89 -2.49
CA THR B 115 -2.21 30.33 -2.67
C THR B 115 -1.87 31.08 -1.39
N SER B 116 -2.51 30.67 -0.30
CA SER B 116 -2.30 31.27 1.02
C SER B 116 -0.86 31.15 1.53
N VAL B 117 -0.30 29.94 1.47
CA VAL B 117 1.05 29.72 1.97
C VAL B 117 2.09 30.55 1.20
N LEU B 118 2.03 30.53 -0.12
CA LEU B 118 2.97 31.35 -0.90
C LEU B 118 2.85 32.83 -0.55
N LYS B 119 1.62 33.30 -0.37
CA LYS B 119 1.36 34.71 -0.08
C LYS B 119 1.78 35.11 1.34
N THR B 120 1.56 34.22 2.31
CA THR B 120 1.78 34.52 3.72
C THR B 120 3.22 34.30 4.19
N ARG B 121 3.80 33.17 3.81
CA ARG B 121 5.13 32.78 4.30
C ARG B 121 6.26 33.07 3.30
N PHE B 122 5.93 33.17 2.01
CA PHE B 122 6.97 33.26 0.96
C PHE B 122 6.83 34.45 0.00
N SER B 123 6.20 35.53 0.44
CA SER B 123 6.00 36.70 -0.44
C SER B 123 7.30 37.38 -0.84
N TYR B 124 8.36 37.18 -0.08
CA TYR B 124 9.69 37.62 -0.48
C TYR B 124 10.18 37.01 -1.80
N ALA B 125 9.81 35.75 -2.04
CA ALA B 125 10.20 35.03 -3.26
C ALA B 125 9.14 35.11 -4.35
N PHE B 126 7.87 35.17 -3.96
CA PHE B 126 6.75 35.16 -4.91
C PHE B 126 5.85 36.36 -4.75
N PRO B 127 6.11 37.43 -5.52
CA PRO B 127 5.24 38.60 -5.48
C PRO B 127 3.89 38.37 -6.19
N LYS B 128 3.88 37.52 -7.22
CA LYS B 128 2.65 37.16 -7.91
C LYS B 128 1.97 35.99 -7.18
N GLU B 129 0.64 35.92 -7.28
CA GLU B 129 -0.11 34.86 -6.60
C GLU B 129 0.02 33.54 -7.34
N PHE B 130 -0.06 32.44 -6.58
CA PHE B 130 -0.06 31.09 -7.13
C PHE B 130 -0.95 31.05 -8.36
N PRO B 131 -0.33 30.83 -9.54
CA PRO B 131 -1.07 30.95 -10.80
C PRO B 131 -1.74 29.65 -11.27
N TYR B 132 -1.56 28.55 -10.54
CA TYR B 132 -1.99 27.25 -11.02
C TYR B 132 -3.35 26.81 -10.45
N ARG B 133 -4.04 26.01 -11.24
CA ARG B 133 -5.36 25.49 -10.92
C ARG B 133 -5.31 23.96 -10.85
N MET B 134 -6.42 23.36 -10.47
CA MET B 134 -6.43 21.91 -10.20
C MET B 134 -6.11 21.07 -11.46
N ASN B 135 -6.55 21.53 -12.62
CA ASN B 135 -6.21 20.83 -13.87
C ASN B 135 -4.69 20.71 -14.06
N HIS B 136 -3.94 21.71 -13.61
CA HIS B 136 -2.48 21.65 -13.65
C HIS B 136 -1.93 20.66 -12.61
N ILE B 137 -2.56 20.60 -11.44
CA ILE B 137 -2.15 19.64 -10.41
C ILE B 137 -2.31 18.22 -10.95
N LEU B 138 -3.43 17.98 -11.59
CA LEU B 138 -3.78 16.64 -12.05
C LEU B 138 -2.87 16.19 -13.18
N GLU B 139 -2.50 17.11 -14.06
CA GLU B 139 -1.56 16.82 -15.15
C GLU B 139 -0.17 16.54 -14.58
N CYS B 140 0.26 17.37 -13.64
CA CYS B 140 1.54 17.19 -12.98
C CYS B 140 1.60 15.85 -12.24
N GLU B 141 0.49 15.48 -11.59
CA GLU B 141 0.42 14.22 -10.85
C GLU B 141 0.77 13.04 -11.75
N PHE B 142 0.23 13.04 -12.97
CA PHE B 142 0.52 11.97 -13.92
C PHE B 142 2.00 11.90 -14.30
N TYR B 143 2.63 13.05 -14.52
CA TYR B 143 4.08 13.09 -14.79
C TYR B 143 4.90 12.61 -13.60
N LEU B 144 4.42 12.93 -12.40
CA LEU B 144 5.09 12.50 -11.16
C LEU B 144 5.04 10.98 -10.99
N LEU B 145 3.85 10.41 -11.14
CA LEU B 145 3.66 8.97 -11.05
C LEU B 145 4.50 8.21 -12.07
N GLU B 146 4.52 8.74 -13.29
CA GLU B 146 5.27 8.14 -14.39
C GLU B 146 6.75 8.11 -14.05
N LEU B 147 7.29 9.26 -13.65
CA LEU B 147 8.70 9.35 -13.27
C LEU B 147 9.06 8.38 -12.15
N MET B 148 8.19 8.26 -11.15
CA MET B 148 8.51 7.40 -10.02
C MET B 148 8.21 5.93 -10.30
N ASP B 149 7.67 5.64 -11.47
CA ASP B 149 7.39 4.28 -11.89
C ASP B 149 6.42 3.65 -10.89
N CYS B 150 5.49 4.49 -10.44
CA CYS B 150 4.47 4.11 -9.47
C CYS B 150 5.03 3.56 -8.13
N CYS B 151 6.25 3.95 -7.79
CA CYS B 151 6.87 3.58 -6.53
C CYS B 151 6.43 4.60 -5.49
N LEU B 152 5.40 4.25 -4.71
CA LEU B 152 4.69 5.21 -3.86
C LEU B 152 4.94 5.08 -2.36
N ILE B 153 5.18 3.86 -1.89
CA ILE B 153 5.50 3.64 -0.47
C ILE B 153 6.94 4.06 -0.21
N VAL B 154 7.10 5.00 0.72
CA VAL B 154 8.39 5.50 1.13
C VAL B 154 8.62 5.28 2.62
N TYR B 155 9.81 4.79 2.95
CA TYR B 155 10.24 4.59 4.33
C TYR B 155 11.02 5.81 4.81
N HIS B 156 10.90 6.11 6.10
CA HIS B 156 11.53 7.30 6.68
C HIS B 156 12.24 6.94 8.00
N PRO B 157 13.11 7.83 8.52
CA PRO B 157 13.87 7.51 9.72
C PRO B 157 13.12 7.66 11.04
N TYR B 158 11.88 8.14 11.00
CA TYR B 158 11.14 8.40 12.23
C TYR B 158 10.85 7.12 12.99
N ARG B 159 10.37 6.09 12.29
CA ARG B 159 10.00 4.83 12.92
C ARG B 159 11.22 4.15 13.58
N PRO B 160 12.31 3.92 12.83
CA PRO B 160 13.52 3.36 13.46
C PRO B 160 14.06 4.22 14.60
N LEU B 161 14.06 5.54 14.43
CA LEU B 161 14.46 6.44 15.52
C LEU B 161 13.63 6.16 16.77
N LEU B 162 12.31 6.09 16.60
CA LEU B 162 11.41 5.79 17.71
C LEU B 162 11.84 4.51 18.43
N GLN B 163 12.14 3.47 17.66
CA GLN B 163 12.60 2.19 18.22
C GLN B 163 13.96 2.33 18.91
N TYR B 164 14.87 3.09 18.32
CA TYR B 164 16.21 3.26 18.92
C TYR B 164 16.16 3.94 20.29
N VAL B 165 15.47 5.09 20.37
N VAL B 165 15.46 5.08 20.36
CA VAL B 165 15.40 5.84 21.63
CA VAL B 165 15.39 5.85 21.60
C VAL B 165 14.66 5.08 22.73
C VAL B 165 14.64 5.11 22.72
N GLN B 166 13.65 4.31 22.35
CA GLN B 166 12.92 3.48 23.30
C GLN B 166 13.86 2.43 23.91
N ASP B 167 14.71 1.86 23.07
CA ASP B 167 15.71 0.88 23.52
C ASP B 167 16.70 1.48 24.54
N MET B 168 17.29 2.62 24.20
CA MET B 168 18.13 3.39 25.13
C MET B 168 17.44 3.71 26.46
N GLY B 169 16.12 3.85 26.43
CA GLY B 169 15.37 4.32 27.59
C GLY B 169 15.52 5.82 27.77
N GLN B 170 15.64 6.54 26.66
CA GLN B 170 15.88 7.98 26.69
C GLN B 170 14.85 8.73 25.84
N GLU B 171 13.62 8.21 25.82
CA GLU B 171 12.53 8.79 25.03
C GLU B 171 12.30 10.26 25.36
N ASP B 172 12.20 10.59 26.64
CA ASP B 172 11.89 11.97 27.05
C ASP B 172 13.06 12.95 26.88
N MET B 173 14.28 12.45 27.01
CA MET B 173 15.48 13.30 26.92
C MET B 173 15.89 13.61 25.46
N LEU B 174 15.93 12.58 24.63
CA LEU B 174 16.56 12.65 23.31
C LEU B 174 15.61 12.65 22.11
N LEU B 175 14.36 12.22 22.29
CA LEU B 175 13.46 12.06 21.15
C LEU B 175 13.11 13.38 20.44
N PRO B 176 12.68 14.41 21.20
CA PRO B 176 12.30 15.65 20.55
C PRO B 176 13.43 16.26 19.70
N LEU B 177 14.65 16.27 20.23
CA LEU B 177 15.79 16.81 19.49
C LEU B 177 16.13 15.96 18.28
N ALA B 178 16.24 14.64 18.46
CA ALA B 178 16.62 13.74 17.36
C ALA B 178 15.58 13.72 16.23
N TRP B 179 14.32 13.79 16.60
CA TRP B 179 13.22 13.85 15.65
C TRP B 179 13.35 15.12 14.80
N ARG B 180 13.61 16.24 15.46
CA ARG B 180 13.78 17.53 14.79
C ARG B 180 15.00 17.50 13.86
N ILE B 181 16.09 16.86 14.28
CA ILE B 181 17.25 16.71 13.40
C ILE B 181 16.88 15.87 12.18
N VAL B 182 16.05 14.86 12.36
CA VAL B 182 15.55 14.06 11.23
C VAL B 182 14.82 14.93 10.21
N ASN B 183 13.88 15.75 10.69
CA ASN B 183 13.24 16.74 9.83
C ASN B 183 14.26 17.53 9.02
N ASP B 184 15.30 18.01 9.69
CA ASP B 184 16.32 18.84 9.02
C ASP B 184 17.12 18.09 7.94
N THR B 185 17.27 16.77 8.05
CA THR B 185 17.98 15.98 7.02
C THR B 185 17.29 16.08 5.65
N TYR B 186 15.99 16.38 5.64
CA TYR B 186 15.26 16.55 4.37
C TYR B 186 15.68 17.80 3.58
N ARG B 187 16.47 18.68 4.19
CA ARG B 187 17.07 19.80 3.45
C ARG B 187 18.23 19.36 2.55
N THR B 188 18.63 18.09 2.65
CA THR B 188 19.78 17.56 1.89
C THR B 188 19.37 16.39 1.00
N ASP B 189 20.36 15.86 0.27
CA ASP B 189 20.21 14.64 -0.52
C ASP B 189 20.20 13.32 0.27
N LEU B 190 20.33 13.35 1.60
CA LEU B 190 20.57 12.13 2.39
C LEU B 190 19.56 11.02 2.16
N CYS B 191 18.28 11.38 2.03
CA CYS B 191 17.21 10.38 1.88
C CYS B 191 17.25 9.67 0.54
N LEU B 192 18.02 10.19 -0.42
CA LEU B 192 18.21 9.53 -1.71
C LEU B 192 19.42 8.57 -1.70
N LEU B 193 20.28 8.70 -0.70
CA LEU B 193 21.57 8.01 -0.71
C LEU B 193 21.73 6.90 0.34
N TYR B 194 20.98 6.99 1.43
CA TYR B 194 21.14 6.04 2.56
C TYR B 194 19.82 5.47 3.04
N PRO B 195 19.83 4.22 3.53
CA PRO B 195 18.64 3.69 4.19
C PRO B 195 18.22 4.56 5.37
N PRO B 196 16.90 4.68 5.62
CA PRO B 196 16.41 5.55 6.69
C PRO B 196 16.96 5.23 8.08
N PHE B 197 17.17 3.94 8.38
CA PHE B 197 17.66 3.55 9.71
C PHE B 197 19.02 4.17 10.01
N MET B 198 19.89 4.22 9.00
CA MET B 198 21.22 4.84 9.14
C MET B 198 21.13 6.34 9.45
N ILE B 199 20.20 7.00 8.76
CA ILE B 199 19.95 8.43 8.97
C ILE B 199 19.43 8.62 10.40
N ALA B 200 18.54 7.73 10.83
CA ALA B 200 18.04 7.75 12.20
C ALA B 200 19.18 7.68 13.21
N LEU B 201 20.13 6.76 12.98
CA LEU B 201 21.28 6.57 13.87
C LEU B 201 22.19 7.81 13.92
N ALA B 202 22.43 8.41 12.75
CA ALA B 202 23.21 9.63 12.65
C ALA B 202 22.53 10.78 13.40
N CYS B 203 21.23 10.92 13.26
CA CYS B 203 20.50 12.00 13.93
C CYS B 203 20.52 11.83 15.45
N LEU B 204 20.35 10.59 15.89
CA LEU B 204 20.37 10.26 17.31
C LEU B 204 21.76 10.53 17.92
N HIS B 205 22.81 10.16 17.20
CA HIS B 205 24.19 10.44 17.63
C HIS B 205 24.41 11.95 17.82
N VAL B 206 24.00 12.74 16.83
CA VAL B 206 24.16 14.19 16.91
C VAL B 206 23.36 14.76 18.09
N ALA B 207 22.16 14.25 18.29
CA ALA B 207 21.35 14.63 19.45
C ALA B 207 22.08 14.31 20.75
N CYS B 208 22.72 13.15 20.81
CA CYS B 208 23.46 12.76 22.00
C CYS B 208 24.64 13.71 22.26
N VAL B 209 25.38 14.04 21.21
CA VAL B 209 26.50 14.98 21.32
C VAL B 209 25.99 16.35 21.76
N VAL B 210 24.90 16.82 21.17
CA VAL B 210 24.36 18.13 21.53
C VAL B 210 23.90 18.17 22.99
N GLN B 211 23.28 17.10 23.47
CA GLN B 211 22.80 17.04 24.85
C GLN B 211 23.81 16.45 25.83
N GLN B 212 25.05 16.24 25.39
CA GLN B 212 26.14 15.72 26.23
C GLN B 212 25.81 14.37 26.89
N LYS B 213 25.04 13.55 26.18
CA LYS B 213 24.72 12.21 26.64
C LYS B 213 25.79 11.23 26.15
N ASP B 214 26.31 10.43 27.07
CA ASP B 214 27.26 9.37 26.73
C ASP B 214 26.46 8.16 26.24
N ALA B 215 26.60 7.85 24.96
CA ALA B 215 25.97 6.66 24.38
C ALA B 215 26.97 5.90 23.51
N ARG B 216 28.25 5.96 23.85
CA ARG B 216 29.29 5.27 23.09
C ARG B 216 29.09 3.75 23.08
N GLN B 217 28.95 3.19 24.27
CA GLN B 217 28.74 1.74 24.44
C GLN B 217 27.54 1.24 23.62
N TRP B 218 26.44 1.98 23.69
CA TRP B 218 25.25 1.63 22.92
C TRP B 218 25.54 1.59 21.42
N PHE B 219 26.20 2.61 20.90
CA PHE B 219 26.54 2.67 19.47
C PHE B 219 27.54 1.57 19.10
N ALA B 220 28.52 1.34 19.98
CA ALA B 220 29.55 0.32 19.76
C ALA B 220 28.99 -1.09 19.52
N GLU B 221 27.90 -1.43 20.20
CA GLU B 221 27.33 -2.78 20.09
C GLU B 221 26.23 -2.93 19.03
N LEU B 222 26.18 -1.99 18.09
CA LEU B 222 25.34 -2.13 16.90
C LEU B 222 26.13 -2.84 15.80
N SER B 223 25.44 -3.59 14.96
CA SER B 223 26.08 -4.25 13.81
C SER B 223 25.77 -3.46 12.55
N VAL B 224 26.31 -2.25 12.49
CA VAL B 224 26.20 -1.37 11.32
C VAL B 224 27.56 -0.79 10.97
N ASP B 225 27.74 -0.43 9.71
CA ASP B 225 28.95 0.21 9.24
C ASP B 225 28.99 1.65 9.74
N MET B 226 29.79 1.90 10.77
CA MET B 226 29.91 3.25 11.36
C MET B 226 30.58 4.25 10.41
N GLU B 227 31.28 3.77 9.39
CA GLU B 227 31.81 4.65 8.35
C GLU B 227 30.67 5.38 7.64
N LYS B 228 29.63 4.64 7.30
CA LYS B 228 28.46 5.22 6.64
C LYS B 228 27.75 6.20 7.57
N ILE B 229 27.66 5.84 8.84
CA ILE B 229 27.00 6.70 9.82
C ILE B 229 27.76 8.02 9.91
N LEU B 230 29.10 7.94 9.92
CA LEU B 230 29.96 9.11 10.05
C LEU B 230 29.86 10.03 8.83
N GLU B 231 29.76 9.45 7.63
CA GLU B 231 29.45 10.24 6.43
C GLU B 231 28.15 11.01 6.64
N ILE B 232 27.14 10.36 7.19
CA ILE B 232 25.84 10.99 7.38
C ILE B 232 25.95 12.08 8.44
N ILE B 233 26.66 11.79 9.53
CA ILE B 233 26.87 12.79 10.58
C ILE B 233 27.54 14.05 10.03
N ARG B 234 28.55 13.88 9.18
CA ARG B 234 29.24 15.03 8.58
C ARG B 234 28.32 15.91 7.73
N VAL B 235 27.41 15.28 6.98
CA VAL B 235 26.43 16.05 6.21
C VAL B 235 25.50 16.83 7.15
N ILE B 236 25.06 16.19 8.24
CA ILE B 236 24.20 16.87 9.22
C ILE B 236 24.92 18.06 9.85
N LEU B 237 26.15 17.84 10.32
CA LEU B 237 26.94 18.92 10.90
C LEU B 237 27.10 20.07 9.90
N LYS B 238 27.34 19.72 8.64
CA LYS B 238 27.48 20.72 7.56
C LYS B 238 26.18 21.49 7.29
N LEU B 239 25.04 20.81 7.34
CA LEU B 239 23.76 21.47 7.05
C LEU B 239 23.45 22.58 8.06
N TYR B 240 23.95 22.46 9.30
CA TYR B 240 23.76 23.52 10.29
C TYR B 240 24.66 24.73 10.04
N GLU B 241 25.86 24.50 9.51
CA GLU B 241 26.72 25.62 9.11
C GLU B 241 26.17 26.34 7.88
N GLN B 242 25.66 25.56 6.93
CA GLN B 242 24.95 26.09 5.76
C GLN B 242 23.70 26.88 6.21
N TRP B 243 22.97 26.35 7.18
CA TRP B 243 21.79 27.00 7.73
C TRP B 243 22.18 28.38 8.26
N LYS B 244 23.23 28.41 9.09
CA LYS B 244 23.78 29.63 9.65
C LYS B 244 24.14 30.68 8.59
N ASN B 245 24.79 30.25 7.52
CA ASN B 245 25.32 31.16 6.50
C ASN B 245 24.31 31.62 5.45
N PHE B 246 23.16 30.95 5.41
CA PHE B 246 22.15 31.16 4.38
C PHE B 246 21.05 32.10 4.90
N ASP B 247 20.85 33.25 4.26
CA ASP B 247 19.66 34.07 4.53
C ASP B 247 18.66 33.88 3.39
N GLU B 248 17.77 32.92 3.61
CA GLU B 248 16.77 32.51 2.63
C GLU B 248 15.97 33.69 2.10
N ARG B 249 15.47 34.52 3.00
CA ARG B 249 14.55 35.58 2.64
C ARG B 249 15.20 36.69 1.81
N LYS B 250 16.49 36.90 2.02
CA LYS B 250 17.26 37.88 1.27
C LYS B 250 17.73 37.36 -0.09
N GLU B 251 17.94 36.06 -0.20
CA GLU B 251 18.63 35.48 -1.35
C GLU B 251 17.73 34.82 -2.38
N MET B 252 16.56 34.33 -1.98
CA MET B 252 15.83 33.39 -2.83
C MET B 252 15.25 33.99 -4.11
N ALA B 253 14.82 35.25 -4.07
CA ALA B 253 14.32 35.91 -5.28
C ALA B 253 15.36 35.88 -6.39
N THR B 254 16.59 36.29 -6.06
CA THR B 254 17.70 36.26 -7.02
C THR B 254 18.01 34.84 -7.49
N ILE B 255 18.06 33.90 -6.56
CA ILE B 255 18.37 32.52 -6.92
C ILE B 255 17.29 31.92 -7.84
N LEU B 256 16.01 32.12 -7.50
CA LEU B 256 14.89 31.69 -8.34
C LEU B 256 14.91 32.31 -9.75
N SER B 257 15.37 33.57 -9.85
CA SER B 257 15.49 34.17 -11.17
C SER B 257 16.60 33.49 -12.00
N LYS B 258 17.58 32.90 -11.33
CA LYS B 258 18.66 32.17 -12.01
C LYS B 258 18.29 30.75 -12.48
N MET B 259 17.25 30.15 -11.89
CA MET B 259 16.78 28.83 -12.30
C MET B 259 16.47 28.80 -13.78
N PRO B 260 16.83 27.70 -14.47
CA PRO B 260 16.40 27.58 -15.87
C PRO B 260 14.89 27.43 -15.94
N LYS B 261 14.26 28.14 -16.87
CA LYS B 261 12.80 28.11 -17.01
C LYS B 261 12.37 27.27 -18.22
N PRO B 262 11.13 26.77 -18.20
CA PRO B 262 10.56 26.00 -19.31
C PRO B 262 10.60 26.72 -20.68
N LYS B 263 11.12 26.02 -21.69
CA LYS B 263 11.08 26.49 -23.08
C LYS B 263 9.63 26.43 -23.58
N PRO B 264 9.18 27.48 -24.29
CA PRO B 264 7.82 27.44 -24.83
C PRO B 264 7.76 26.61 -26.11
N PRO B 265 6.56 26.20 -26.54
CA PRO B 265 6.43 25.58 -27.85
C PRO B 265 7.01 26.48 -28.94
N PRO B 266 7.82 25.93 -29.85
CA PRO B 266 8.46 26.74 -30.88
C PRO B 266 7.49 27.17 -31.99
#